data_7DE4
#
_entry.id   7DE4
#
_cell.length_a   142.540
_cell.length_b   142.540
_cell.length_c   117.100
_cell.angle_alpha   90.00
_cell.angle_beta   90.00
_cell.angle_gamma   90.00
#
_symmetry.space_group_name_H-M   'P 41 21 2'
#
loop_
_entity.id
_entity.type
_entity.pdbx_description
1 polymer 'Hydroxylamine reductase'
2 non-polymer 'IRON/SULFUR CLUSTER'
3 non-polymer 'FE-S-O HYBRID CLUSTER'
#
_entity_poly.entity_id   1
_entity_poly.type   'polypeptide(L)'
_entity_poly.pdbx_seq_one_letter_code
;MFCVQCEQTIRTPAGNGCSYAQGMCGKTAETSDLQDLLIAALQGLSAWAVKAREYGIINHDVDSFAPRAFFSTLTNVNFD
SPRIVGYAREAIALREALKAQCLAVDANARVDNPMADLQLVSDDLGELQRQAAEFTPNKDKAAIGENILGLRLLCLYGLK
GAAAYMEHAHVLGQYDNDIYAQYHKIMAWLGTWPADMNALLECSMEIGQMNFKVMSILDAGETGKYGHPTPTQVNVKATA
GKCILISGHDLKDLYNLLEQTEGTGVNVYTHGEMLPAHGYPELRKFKHLVGNYGSGWQNQQVEFARFPGPIVMTSNCIID
PTVGAYDDRIWTRSIVGWPGVRHLDGDDFSAVITQAQQMAGFPYSEIPHLITVGFGRQTLLGAADTLIDLVSREKLRHIF
LLGG(CSS)DGARGERHYFTDFATSVPDDCLILTLACGKYRFNKLEFGDIEGLPRLVDAGQCNDAYSAIILAVTLAEKLG
CGVNDLPLSLVLSWFEQKAIVILLTLLSLGVKNIVTGPTAPGFLTPDLLAVLNEKFGLRSITTVEEDMKQLLSALEHHHH
HH
;
_entity_poly.pdbx_strand_id   A
#
loop_
_chem_comp.id
_chem_comp.type
_chem_comp.name
_chem_comp.formula
FS2 non-polymer 'FE-S-O HYBRID CLUSTER' 'Fe4 O3 S2'
SF4 non-polymer 'IRON/SULFUR CLUSTER' 'Fe4 S4'
#
# COMPACT_ATOMS: atom_id res chain seq x y z
N MET A 1 12.37 14.11 15.89
CA MET A 1 11.63 13.51 14.73
C MET A 1 12.38 12.29 14.25
N PHE A 2 11.69 11.16 14.15
CA PHE A 2 12.30 9.93 13.66
C PHE A 2 11.21 8.98 13.17
N CYS A 3 11.36 8.53 11.92
CA CYS A 3 10.65 7.41 11.30
C CYS A 3 11.55 6.92 10.15
N VAL A 4 11.31 5.70 9.65
CA VAL A 4 12.22 5.02 8.73
C VAL A 4 11.45 4.01 7.88
N GLN A 5 10.12 4.15 7.90
CA GLN A 5 9.14 3.28 7.28
C GLN A 5 9.27 3.19 5.76
N CYS A 6 9.96 4.11 5.07
CA CYS A 6 9.90 4.03 3.62
C CYS A 6 11.19 3.49 3.05
N GLU A 7 11.15 3.00 1.82
CA GLU A 7 12.37 2.56 1.15
C GLU A 7 13.32 3.74 0.89
N GLN A 8 12.93 4.97 1.25
CA GLN A 8 13.73 6.11 0.81
C GLN A 8 14.20 6.96 1.99
N THR A 9 14.43 6.34 3.16
CA THR A 9 14.82 7.07 4.35
C THR A 9 16.28 7.48 4.23
N ILE A 10 16.85 7.99 5.31
CA ILE A 10 17.96 8.89 5.07
C ILE A 10 19.23 8.16 4.60
N ARG A 11 19.41 6.90 4.97
CA ARG A 11 20.39 5.96 4.40
C ARG A 11 21.82 6.49 4.50
N THR A 12 22.51 6.00 5.55
CA THR A 12 23.86 6.47 5.92
C THR A 12 24.64 5.28 6.53
N PRO A 13 26.04 5.27 6.49
CA PRO A 13 26.87 4.22 7.15
C PRO A 13 26.61 3.94 8.60
N ALA A 14 26.45 5.02 9.30
CA ALA A 14 26.19 4.96 10.70
C ALA A 14 24.78 4.31 10.95
N GLY A 15 23.74 5.00 10.44
CA GLY A 15 22.39 4.76 10.95
C GLY A 15 21.33 4.57 9.86
N ASN A 16 20.08 4.43 10.31
CA ASN A 16 19.03 3.98 9.43
C ASN A 16 18.25 5.18 8.90
N GLY A 17 17.35 5.76 9.71
CA GLY A 17 16.25 6.57 9.20
C GLY A 17 16.40 8.08 9.28
N CYS A 18 15.35 8.78 8.81
CA CYS A 18 15.24 10.23 8.74
C CYS A 18 14.99 10.74 10.16
N SER A 19 15.92 11.56 10.66
CA SER A 19 15.72 12.36 11.86
C SER A 19 15.71 13.81 11.41
N TYR A 20 16.57 14.63 12.02
CA TYR A 20 16.83 15.95 11.48
C TYR A 20 15.56 16.80 11.46
N ALA A 21 15.36 17.55 10.37
CA ALA A 21 14.37 18.63 10.27
C ALA A 21 13.13 18.18 9.50
N GLN A 22 13.41 17.47 8.42
CA GLN A 22 12.38 17.10 7.49
C GLN A 22 12.61 15.65 7.10
N GLY A 23 11.57 15.09 6.49
CA GLY A 23 11.67 13.83 5.81
C GLY A 23 12.41 14.02 4.50
N MET A 24 12.72 12.89 3.85
CA MET A 24 13.19 12.96 2.48
C MET A 24 12.00 13.20 1.56
N CYS A 25 10.81 12.85 2.06
CA CYS A 25 9.56 12.80 1.31
C CYS A 25 8.71 14.02 1.68
N GLY A 26 9.29 14.93 2.43
CA GLY A 26 8.67 16.22 2.49
C GLY A 26 7.95 16.41 3.81
N LYS A 27 7.83 15.35 4.62
CA LYS A 27 7.22 15.58 5.93
C LYS A 27 8.21 16.32 6.83
N THR A 28 7.68 17.19 7.70
CA THR A 28 8.51 18.00 8.58
C THR A 28 8.61 17.33 9.93
N ALA A 29 9.55 17.82 10.74
CA ALA A 29 9.57 17.45 12.14
C ALA A 29 8.14 17.53 12.69
N GLU A 30 7.45 18.65 12.37
CA GLU A 30 6.14 18.93 12.94
C GLU A 30 5.21 17.75 12.72
N THR A 31 4.92 17.48 11.44
CA THR A 31 4.07 16.36 11.06
C THR A 31 4.57 15.06 11.72
N SER A 32 5.80 14.69 11.34
CA SER A 32 6.30 13.35 11.65
C SER A 32 6.40 13.14 13.14
N ASP A 33 6.44 14.22 13.92
CA ASP A 33 6.33 14.15 15.37
C ASP A 33 4.86 14.10 15.77
N LEU A 34 4.02 14.89 15.12
CA LEU A 34 2.60 14.90 15.42
C LEU A 34 2.00 13.53 15.12
N GLN A 35 2.41 12.94 13.98
CA GLN A 35 2.03 11.60 13.58
C GLN A 35 2.33 10.58 14.68
N ASP A 36 3.46 10.76 15.38
CA ASP A 36 3.78 9.88 16.49
C ASP A 36 2.69 10.00 17.56
N LEU A 37 2.26 11.23 17.83
CA LEU A 37 1.26 11.42 18.86
C LEU A 37 -0.05 10.78 18.42
N LEU A 38 -0.38 10.90 17.13
CA LEU A 38 -1.62 10.30 16.65
C LEU A 38 -1.54 8.78 16.83
N ILE A 39 -0.36 8.19 16.57
CA ILE A 39 -0.20 6.75 16.69
C ILE A 39 -0.44 6.33 18.15
N ALA A 40 0.06 7.12 19.09
CA ALA A 40 -0.14 6.85 20.50
C ALA A 40 -1.61 6.99 20.91
N ALA A 41 -2.25 8.09 20.52
CA ALA A 41 -3.69 8.23 20.77
C ALA A 41 -4.35 6.95 20.27
N LEU A 42 -4.04 6.57 19.02
CA LEU A 42 -4.65 5.49 18.26
C LEU A 42 -4.53 4.17 19.03
N GLN A 43 -3.36 3.96 19.63
CA GLN A 43 -2.98 2.69 20.24
C GLN A 43 -3.74 2.52 21.55
N GLY A 44 -3.84 3.63 22.29
CA GLY A 44 -4.69 3.71 23.47
C GLY A 44 -6.12 3.36 23.06
N LEU A 45 -6.66 4.07 22.06
CA LEU A 45 -8.01 3.77 21.64
C LEU A 45 -8.13 2.26 21.49
N SER A 46 -7.19 1.66 20.73
CA SER A 46 -7.30 0.25 20.39
C SER A 46 -7.23 -0.64 21.63
N ALA A 47 -6.59 -0.16 22.69
CA ALA A 47 -6.50 -0.91 23.94
C ALA A 47 -7.87 -0.91 24.65
N TRP A 48 -8.61 0.18 24.53
CA TRP A 48 -9.93 0.28 25.15
C TRP A 48 -10.95 -0.43 24.27
N ALA A 49 -10.58 -0.61 23.00
CA ALA A 49 -11.49 -1.21 22.05
C ALA A 49 -11.38 -2.72 22.19
N VAL A 50 -10.22 -3.18 22.68
CA VAL A 50 -10.03 -4.56 23.09
C VAL A 50 -10.97 -4.83 24.26
N LYS A 51 -11.68 -3.77 24.67
CA LYS A 51 -12.56 -3.85 25.82
C LYS A 51 -13.98 -4.29 25.45
N ALA A 52 -14.10 -5.55 25.00
CA ALA A 52 -15.30 -6.38 24.99
C ALA A 52 -14.90 -7.61 25.80
N ARG A 53 -14.40 -7.35 27.02
CA ARG A 53 -13.56 -8.31 27.74
C ARG A 53 -14.30 -9.65 27.89
N GLU A 54 -15.58 -9.57 28.29
CA GLU A 54 -16.33 -10.82 28.24
C GLU A 54 -17.36 -10.76 27.13
N TYR A 55 -18.33 -9.87 27.28
CA TYR A 55 -19.22 -9.52 26.18
C TYR A 55 -19.46 -8.01 26.20
N GLY A 56 -18.37 -7.24 26.30
CA GLY A 56 -18.43 -5.80 26.28
C GLY A 56 -18.82 -5.25 24.90
N ILE A 57 -18.89 -6.11 23.88
CA ILE A 57 -19.44 -5.72 22.58
C ILE A 57 -18.68 -4.52 21.98
N ILE A 58 -18.88 -4.37 20.66
CA ILE A 58 -18.07 -3.56 19.74
C ILE A 58 -18.97 -2.51 19.08
N ASN A 59 -18.32 -1.34 18.85
CA ASN A 59 -18.78 -0.16 18.14
C ASN A 59 -18.08 -0.13 16.79
N HIS A 60 -18.88 -0.11 15.70
CA HIS A 60 -18.33 -0.25 14.36
C HIS A 60 -17.62 1.05 14.04
N ASP A 61 -17.95 2.06 14.83
CA ASP A 61 -17.40 3.37 14.52
C ASP A 61 -15.92 3.36 14.83
N VAL A 62 -15.58 2.90 16.03
CA VAL A 62 -14.20 2.87 16.49
C VAL A 62 -13.39 1.92 15.63
N ASP A 63 -13.91 0.69 15.54
CA ASP A 63 -13.33 -0.34 14.69
C ASP A 63 -12.96 0.32 13.35
N SER A 64 -13.93 1.00 12.76
CA SER A 64 -13.88 1.37 11.35
C SER A 64 -13.10 2.67 11.21
N PHE A 65 -12.90 3.31 12.36
CA PHE A 65 -12.15 4.55 12.40
C PHE A 65 -10.66 4.28 12.47
N ALA A 66 -10.24 3.33 13.33
CA ALA A 66 -8.85 3.13 13.73
C ALA A 66 -7.92 3.00 12.53
N PRO A 67 -8.20 2.10 11.55
CA PRO A 67 -7.31 1.95 10.38
C PRO A 67 -7.22 3.26 9.60
N ARG A 68 -8.37 3.92 9.41
CA ARG A 68 -8.47 5.06 8.52
C ARG A 68 -7.54 6.14 9.03
N ALA A 69 -7.39 6.20 10.36
CA ALA A 69 -6.56 7.19 11.04
C ALA A 69 -5.10 6.78 10.95
N PHE A 70 -4.83 5.53 11.32
CA PHE A 70 -3.50 4.97 11.20
C PHE A 70 -2.96 5.20 9.77
N PHE A 71 -3.86 5.08 8.78
CA PHE A 71 -3.55 5.17 7.35
C PHE A 71 -2.92 6.53 7.01
N SER A 72 -3.20 7.54 7.83
CA SER A 72 -2.73 8.88 7.56
C SER A 72 -1.26 9.07 7.96
N THR A 73 -0.80 8.22 8.89
CA THR A 73 0.58 8.25 9.37
C THR A 73 1.45 7.59 8.32
N LEU A 74 0.79 7.11 7.26
CA LEU A 74 1.50 6.37 6.22
C LEU A 74 2.28 7.32 5.31
N THR A 75 3.14 6.71 4.46
CA THR A 75 4.10 7.49 3.69
C THR A 75 3.47 8.03 2.42
N ASN A 76 3.74 9.31 2.14
CA ASN A 76 3.20 9.93 0.95
C ASN A 76 1.67 9.98 0.96
N VAL A 77 1.03 9.68 2.11
CA VAL A 77 -0.42 9.80 2.28
C VAL A 77 -0.77 11.21 2.75
N ASN A 78 -0.22 11.60 3.91
CA ASN A 78 -0.73 12.76 4.61
C ASN A 78 0.41 13.53 5.24
N PHE A 79 0.44 14.85 4.93
CA PHE A 79 1.47 15.75 5.39
C PHE A 79 0.88 17.07 5.88
N ASP A 80 -0.45 17.16 6.04
CA ASP A 80 -1.09 18.34 6.61
C ASP A 80 -1.14 18.14 8.10
N SER A 81 -0.62 19.08 8.90
CA SER A 81 -0.43 18.77 10.31
C SER A 81 -1.75 18.81 11.05
N PRO A 82 -2.61 19.84 10.80
CA PRO A 82 -3.86 19.99 11.53
C PRO A 82 -4.72 18.73 11.44
N ARG A 83 -4.86 18.26 10.19
CA ARG A 83 -5.60 17.07 9.86
C ARG A 83 -5.23 15.98 10.83
N ILE A 84 -3.91 15.78 11.03
CA ILE A 84 -3.38 14.64 11.78
C ILE A 84 -3.71 14.79 13.26
N VAL A 85 -3.48 15.99 13.80
CA VAL A 85 -3.90 16.35 15.15
C VAL A 85 -5.38 16.03 15.29
N GLY A 86 -6.16 16.35 14.24
CA GLY A 86 -7.59 16.14 14.25
C GLY A 86 -7.96 14.66 14.26
N TYR A 87 -7.11 13.84 13.63
CA TYR A 87 -7.36 12.41 13.65
C TYR A 87 -7.17 11.98 15.08
N ALA A 88 -6.14 12.54 15.72
CA ALA A 88 -5.89 12.24 17.12
C ALA A 88 -7.04 12.76 17.98
N ARG A 89 -7.54 13.95 17.65
CA ARG A 89 -8.69 14.48 18.36
C ARG A 89 -9.73 13.37 18.55
N GLU A 90 -10.22 12.86 17.43
CA GLU A 90 -11.41 12.02 17.35
C GLU A 90 -11.06 10.58 17.73
N ALA A 91 -9.77 10.24 17.73
CA ALA A 91 -9.36 8.97 18.32
C ALA A 91 -9.68 9.00 19.80
N ILE A 92 -9.32 10.13 20.44
CA ILE A 92 -9.50 10.19 21.87
C ILE A 92 -10.96 10.43 22.23
N ALA A 93 -11.68 11.25 21.46
CA ALA A 93 -13.13 11.37 21.56
C ALA A 93 -13.76 9.98 21.68
N LEU A 94 -13.35 9.03 20.84
CA LEU A 94 -13.98 7.72 20.88
C LEU A 94 -13.36 6.81 21.93
N ARG A 95 -12.10 7.04 22.30
CA ARG A 95 -11.61 6.26 23.42
C ARG A 95 -12.43 6.59 24.66
N GLU A 96 -12.79 7.87 24.79
CA GLU A 96 -13.51 8.41 25.94
C GLU A 96 -14.97 8.00 25.84
N ALA A 97 -15.59 8.38 24.70
CA ALA A 97 -16.94 7.96 24.40
C ALA A 97 -17.05 6.45 24.55
N LEU A 98 -15.99 5.72 24.15
CA LEU A 98 -16.06 4.27 24.28
C LEU A 98 -16.13 3.90 25.76
N LYS A 99 -15.21 4.50 26.55
CA LYS A 99 -15.02 4.19 27.96
C LYS A 99 -16.36 4.21 28.69
N ALA A 100 -17.19 5.21 28.38
CA ALA A 100 -18.49 5.35 29.03
C ALA A 100 -19.32 4.09 28.83
N GLN A 101 -19.34 3.53 27.61
CA GLN A 101 -20.20 2.40 27.37
C GLN A 101 -19.80 1.26 28.31
N CYS A 102 -18.51 0.91 28.32
CA CYS A 102 -18.06 -0.16 29.19
C CYS A 102 -18.21 0.27 30.65
N LEU A 103 -17.94 1.54 30.96
CA LEU A 103 -18.03 1.92 32.36
C LEU A 103 -19.42 1.75 32.97
N ALA A 104 -20.52 1.89 32.25
CA ALA A 104 -21.78 1.54 32.89
C ALA A 104 -21.78 0.06 33.27
N VAL A 105 -20.66 -0.66 33.05
CA VAL A 105 -20.71 -2.07 33.46
C VAL A 105 -19.48 -2.51 34.25
N ASP A 106 -19.72 -2.81 35.53
CA ASP A 106 -18.77 -3.31 36.53
C ASP A 106 -17.61 -2.35 36.86
N ALA A 107 -17.70 -1.07 36.46
CA ALA A 107 -16.74 -0.01 36.72
C ALA A 107 -15.30 -0.47 36.48
N ASN A 108 -15.09 -1.22 35.39
CA ASN A 108 -13.80 -1.73 34.94
C ASN A 108 -12.95 -2.20 36.11
N ALA A 109 -13.43 -3.22 36.85
CA ALA A 109 -12.72 -3.93 37.92
C ALA A 109 -11.87 -3.01 38.83
N ARG A 110 -10.54 -3.10 38.66
CA ARG A 110 -9.56 -2.29 39.39
C ARG A 110 -8.95 -1.23 38.46
N VAL A 111 -8.50 -1.65 37.27
CA VAL A 111 -7.95 -0.74 36.27
C VAL A 111 -8.82 -0.89 35.02
N ASP A 112 -9.37 0.22 34.50
CA ASP A 112 -10.18 0.12 33.30
C ASP A 112 -9.31 -0.51 32.21
N ASN A 113 -8.12 0.05 31.98
CA ASN A 113 -7.18 -0.59 31.08
C ASN A 113 -5.76 -0.32 31.53
N PRO A 114 -4.94 -1.38 31.78
CA PRO A 114 -3.55 -1.23 32.20
C PRO A 114 -2.78 -1.01 30.91
N MET A 115 -2.42 0.25 30.63
CA MET A 115 -1.95 0.63 29.30
C MET A 115 -0.88 1.71 29.43
N ALA A 116 0.16 1.65 28.59
CA ALA A 116 1.04 2.80 28.48
C ALA A 116 0.23 3.99 27.97
N ASP A 117 -0.39 3.84 26.78
CA ASP A 117 -1.08 4.94 26.14
C ASP A 117 -2.30 5.44 26.91
N LEU A 118 -2.96 4.59 27.73
CA LEU A 118 -3.95 5.02 28.73
C LEU A 118 -5.00 5.95 28.11
N GLN A 119 -5.32 7.03 28.84
CA GLN A 119 -6.23 8.09 28.48
C GLN A 119 -5.58 8.96 27.40
N LEU A 120 -4.28 9.27 27.58
CA LEU A 120 -3.51 10.19 26.75
C LEU A 120 -4.37 11.34 26.22
N VAL A 121 -4.78 12.29 27.08
CA VAL A 121 -5.54 13.46 26.60
C VAL A 121 -4.57 14.56 26.13
N SER A 122 -5.01 15.56 25.29
CA SER A 122 -4.11 16.66 24.92
C SER A 122 -4.70 18.09 24.76
N ASP A 123 -3.80 19.09 24.93
CA ASP A 123 -3.90 20.53 25.31
C ASP A 123 -4.27 21.63 24.28
N ASP A 124 -3.73 21.63 23.02
CA ASP A 124 -4.00 22.46 21.83
C ASP A 124 -2.82 23.30 21.30
N LEU A 125 -3.00 23.71 20.02
CA LEU A 125 -2.16 24.50 19.11
C LEU A 125 -0.85 23.81 18.71
N GLY A 126 -0.64 23.67 17.39
CA GLY A 126 0.30 22.79 16.73
C GLY A 126 1.78 22.93 17.13
N GLU A 127 2.42 24.05 16.77
CA GLU A 127 3.87 24.16 16.94
C GLU A 127 4.20 23.90 18.41
N LEU A 128 3.39 24.54 19.26
CA LEU A 128 3.46 24.51 20.72
C LEU A 128 2.82 23.22 21.22
N GLN A 129 2.31 22.41 20.31
CA GLN A 129 1.75 21.11 20.68
C GLN A 129 2.86 20.10 20.96
N ARG A 130 3.49 19.68 19.84
CA ARG A 130 4.47 18.62 19.67
C ARG A 130 5.19 18.23 20.96
N GLN A 131 4.42 17.61 21.86
CA GLN A 131 4.93 16.98 23.06
C GLN A 131 4.95 15.47 22.80
N ALA A 132 4.98 15.14 21.51
CA ALA A 132 4.93 13.76 21.02
C ALA A 132 6.32 13.16 21.07
N ALA A 133 7.26 13.96 21.58
CA ALA A 133 8.65 13.56 21.63
C ALA A 133 8.78 12.37 22.56
N GLU A 134 7.84 12.32 23.53
CA GLU A 134 7.71 11.25 24.50
C GLU A 134 7.16 10.00 23.83
N PHE A 135 6.67 10.15 22.60
CA PHE A 135 6.02 9.02 21.95
C PHE A 135 6.79 8.50 20.75
N THR A 136 7.94 9.11 20.41
CA THR A 136 8.65 8.73 19.18
C THR A 136 9.02 7.24 19.19
N PRO A 137 9.02 6.55 18.01
CA PRO A 137 9.16 5.09 17.95
C PRO A 137 10.48 4.54 18.50
N ASN A 138 11.41 5.45 18.79
CA ASN A 138 12.71 5.07 19.32
C ASN A 138 13.11 5.97 20.47
N LYS A 139 12.18 6.18 21.43
CA LYS A 139 12.52 6.91 22.65
C LYS A 139 13.53 6.11 23.46
N ASP A 140 13.37 4.79 23.47
CA ASP A 140 14.37 3.87 24.00
C ASP A 140 15.21 3.33 22.84
N LYS A 141 15.95 4.20 22.13
CA LYS A 141 16.79 3.74 21.02
C LYS A 141 17.86 2.79 21.56
N ALA A 142 18.68 3.31 22.48
CA ALA A 142 19.76 2.56 23.10
C ALA A 142 19.34 2.01 24.47
N ALA A 143 18.14 2.42 24.96
CA ALA A 143 17.54 1.90 26.19
C ALA A 143 16.79 0.58 25.91
N ILE A 144 16.72 0.18 24.62
CA ILE A 144 16.30 -1.13 24.12
C ILE A 144 17.30 -1.62 23.05
N GLY A 145 17.48 -2.95 22.98
CA GLY A 145 18.34 -3.56 21.99
C GLY A 145 17.95 -3.13 20.58
N GLU A 146 18.96 -2.71 19.81
CA GLU A 146 18.79 -2.18 18.47
C GLU A 146 18.07 -3.19 17.56
N ASN A 147 18.36 -4.48 17.73
CA ASN A 147 17.66 -5.51 16.99
C ASN A 147 16.22 -5.67 17.48
N ILE A 148 15.98 -5.33 18.74
CA ILE A 148 14.61 -5.37 19.23
C ILE A 148 13.81 -4.23 18.59
N LEU A 149 14.44 -3.05 18.46
CA LEU A 149 13.80 -1.92 17.80
C LEU A 149 13.40 -2.26 16.36
N GLY A 150 14.30 -2.91 15.60
CA GLY A 150 14.05 -3.24 14.21
C GLY A 150 12.83 -4.15 14.03
N LEU A 151 12.78 -5.23 14.81
CA LEU A 151 11.61 -6.10 14.80
C LEU A 151 10.36 -5.34 15.19
N ARG A 152 10.49 -4.48 16.22
CA ARG A 152 9.38 -3.67 16.69
C ARG A 152 8.81 -2.82 15.55
N LEU A 153 9.66 -1.99 14.92
CA LEU A 153 9.24 -1.14 13.82
C LEU A 153 8.63 -1.96 12.69
N LEU A 154 9.30 -3.02 12.28
CA LEU A 154 8.77 -3.78 11.17
C LEU A 154 7.45 -4.43 11.56
N CYS A 155 7.03 -4.29 12.82
CA CYS A 155 5.82 -4.93 13.29
C CYS A 155 4.69 -3.93 13.20
N LEU A 156 5.03 -2.68 13.51
CA LEU A 156 4.15 -1.53 13.48
C LEU A 156 4.00 -1.07 12.05
N TYR A 157 5.12 -0.78 11.41
CA TYR A 157 5.12 -0.36 10.04
C TYR A 157 4.29 -1.31 9.20
N GLY A 158 4.50 -2.60 9.43
CA GLY A 158 3.77 -3.67 8.77
C GLY A 158 2.26 -3.56 9.00
N LEU A 159 1.87 -3.51 10.27
CA LEU A 159 0.46 -3.39 10.64
C LEU A 159 -0.16 -2.16 9.96
N LYS A 160 0.61 -1.08 9.81
CA LYS A 160 0.16 0.12 9.15
C LYS A 160 -0.37 -0.26 7.78
N GLY A 161 0.50 -0.88 6.97
CA GLY A 161 0.14 -1.33 5.64
C GLY A 161 -1.13 -2.18 5.66
N ALA A 162 -1.25 -3.06 6.67
CA ALA A 162 -2.44 -3.89 6.75
C ALA A 162 -3.66 -2.99 6.94
N ALA A 163 -3.53 -1.97 7.79
CA ALA A 163 -4.65 -1.06 8.05
C ALA A 163 -5.04 -0.34 6.77
N ALA A 164 -4.05 0.11 6.02
CA ALA A 164 -4.40 0.73 4.75
C ALA A 164 -5.33 -0.21 3.99
N TYR A 165 -5.10 -1.52 4.08
CA TYR A 165 -5.86 -2.42 3.24
C TYR A 165 -7.20 -2.68 3.89
N MET A 166 -7.22 -2.66 5.21
CA MET A 166 -8.45 -2.78 5.97
C MET A 166 -9.43 -1.67 5.57
N GLU A 167 -8.90 -0.45 5.45
CA GLU A 167 -9.65 0.72 5.07
C GLU A 167 -10.02 0.64 3.59
N HIS A 168 -9.05 0.52 2.69
CA HIS A 168 -9.48 0.69 1.31
C HIS A 168 -10.06 -0.63 0.79
N ALA A 169 -10.39 -1.44 1.81
CA ALA A 169 -11.33 -2.54 1.81
C ALA A 169 -12.61 -1.95 2.30
N HIS A 170 -12.64 -1.56 3.58
CA HIS A 170 -13.83 -1.01 4.19
C HIS A 170 -14.58 -0.09 3.22
N VAL A 171 -13.82 0.79 2.58
CA VAL A 171 -14.47 1.86 1.86
C VAL A 171 -15.17 1.23 0.67
N LEU A 172 -14.51 0.23 0.08
CA LEU A 172 -15.05 -0.52 -1.05
C LEU A 172 -16.10 -1.51 -0.55
N GLY A 173 -16.44 -1.43 0.74
CA GLY A 173 -17.68 -2.04 1.17
C GLY A 173 -17.51 -3.26 2.06
N GLN A 174 -16.31 -3.54 2.54
CA GLN A 174 -16.21 -4.78 3.27
C GLN A 174 -15.30 -4.66 4.49
N TYR A 175 -15.74 -5.29 5.60
CA TYR A 175 -14.96 -5.48 6.81
C TYR A 175 -15.36 -6.79 7.49
N ASP A 176 -14.55 -7.19 8.48
CA ASP A 176 -14.91 -8.27 9.37
C ASP A 176 -14.56 -7.85 10.77
N ASN A 177 -15.30 -8.39 11.74
CA ASN A 177 -15.17 -8.00 13.13
C ASN A 177 -14.07 -8.82 13.79
N ASP A 178 -13.88 -10.08 13.39
CA ASP A 178 -12.78 -10.83 13.97
C ASP A 178 -11.49 -10.13 13.55
N ILE A 179 -11.41 -9.68 12.29
CA ILE A 179 -10.20 -8.99 11.85
C ILE A 179 -9.96 -7.77 12.75
N TYR A 180 -11.03 -7.03 13.02
CA TYR A 180 -11.00 -5.81 13.84
C TYR A 180 -10.46 -6.13 15.23
N ALA A 181 -10.92 -7.26 15.82
CA ALA A 181 -10.47 -7.72 17.13
C ALA A 181 -8.97 -7.89 17.10
N GLN A 182 -8.47 -8.52 16.03
CA GLN A 182 -7.06 -8.80 15.82
C GLN A 182 -6.31 -7.50 15.59
N TYR A 183 -6.92 -6.57 14.84
CA TYR A 183 -6.28 -5.28 14.64
C TYR A 183 -6.01 -4.69 16.03
N HIS A 184 -7.06 -4.65 16.85
CA HIS A 184 -6.95 -3.93 18.10
C HIS A 184 -5.97 -4.60 19.06
N LYS A 185 -5.97 -5.93 19.11
CA LYS A 185 -5.05 -6.63 19.99
C LYS A 185 -3.65 -6.23 19.59
N ILE A 186 -3.33 -6.34 18.30
CA ILE A 186 -1.97 -6.10 17.85
C ILE A 186 -1.59 -4.65 18.12
N MET A 187 -2.49 -3.72 17.80
CA MET A 187 -2.24 -2.30 17.98
C MET A 187 -2.05 -1.99 19.46
N ALA A 188 -2.91 -2.59 20.30
CA ALA A 188 -2.91 -2.43 21.75
C ALA A 188 -1.58 -2.86 22.36
N TRP A 189 -1.08 -4.00 21.87
CA TRP A 189 0.17 -4.57 22.32
C TRP A 189 1.35 -3.75 21.82
N LEU A 190 1.25 -3.21 20.60
CA LEU A 190 2.31 -2.35 20.10
C LEU A 190 2.26 -1.05 20.86
N GLY A 191 1.10 -0.68 21.40
CA GLY A 191 1.04 0.53 22.19
C GLY A 191 2.04 0.46 23.34
N THR A 192 1.82 -0.54 24.20
CA THR A 192 2.73 -0.86 25.29
C THR A 192 4.09 -1.17 24.66
N TRP A 193 5.05 -0.27 24.86
CA TRP A 193 6.32 -0.24 24.12
C TRP A 193 6.97 -1.62 23.94
N PRO A 194 6.97 -2.55 24.92
CA PRO A 194 7.41 -3.92 24.72
C PRO A 194 8.09 -4.50 23.46
N ALA A 195 9.16 -5.22 23.81
CA ALA A 195 10.19 -5.73 22.93
C ALA A 195 10.82 -6.98 23.56
N ASP A 196 10.43 -8.13 23.01
CA ASP A 196 10.83 -9.48 23.33
C ASP A 196 11.05 -10.14 21.97
N MET A 197 12.30 -10.19 21.50
CA MET A 197 12.55 -10.55 20.10
C MET A 197 11.72 -11.77 19.65
N ASN A 198 11.33 -12.64 20.60
CA ASN A 198 10.58 -13.82 20.26
C ASN A 198 9.17 -13.47 19.86
N ALA A 199 8.52 -12.61 20.65
CA ALA A 199 7.14 -12.30 20.35
C ALA A 199 7.03 -11.20 19.30
N LEU A 200 8.11 -10.44 19.05
CA LEU A 200 8.07 -9.47 17.96
C LEU A 200 8.07 -10.18 16.62
N LEU A 201 8.93 -11.20 16.49
CA LEU A 201 8.93 -11.97 15.25
C LEU A 201 7.58 -12.67 15.10
N GLU A 202 7.16 -13.30 16.20
CA GLU A 202 5.97 -14.12 16.26
C GLU A 202 4.71 -13.25 16.17
N CYS A 203 4.85 -11.94 16.42
CA CYS A 203 3.69 -11.08 16.16
C CYS A 203 4.05 -10.16 15.01
N SER A 204 4.73 -10.76 14.05
CA SER A 204 5.09 -10.03 12.86
C SER A 204 4.72 -10.98 11.75
N MET A 205 4.60 -12.25 12.14
CA MET A 205 4.05 -13.31 11.33
C MET A 205 2.53 -13.30 11.47
N GLU A 206 2.04 -12.83 12.62
CA GLU A 206 0.62 -12.94 12.84
C GLU A 206 -0.05 -11.76 12.17
N ILE A 207 0.68 -10.64 12.10
CA ILE A 207 0.27 -9.58 11.20
C ILE A 207 0.18 -10.11 9.75
N GLY A 208 1.12 -10.97 9.35
CA GLY A 208 1.08 -11.59 8.04
C GLY A 208 -0.22 -12.35 7.85
N GLN A 209 -0.60 -13.13 8.86
CA GLN A 209 -1.83 -13.92 8.82
C GLN A 209 -3.03 -13.00 8.61
N MET A 210 -3.04 -11.96 9.46
CA MET A 210 -4.16 -11.05 9.50
C MET A 210 -4.20 -10.31 8.17
N ASN A 211 -3.04 -9.90 7.65
CA ASN A 211 -3.05 -9.05 6.48
C ASN A 211 -3.70 -9.83 5.35
N PHE A 212 -3.42 -11.13 5.32
CA PHE A 212 -4.04 -11.97 4.31
C PHE A 212 -5.55 -11.99 4.52
N LYS A 213 -6.00 -12.07 5.78
CA LYS A 213 -7.43 -12.12 5.97
C LYS A 213 -8.01 -10.92 5.24
N VAL A 214 -7.41 -9.76 5.52
CA VAL A 214 -8.00 -8.49 5.11
C VAL A 214 -7.76 -8.28 3.62
N MET A 215 -6.65 -8.76 3.06
CA MET A 215 -6.54 -8.65 1.61
C MET A 215 -7.59 -9.58 0.99
N SER A 216 -7.99 -10.60 1.78
CA SER A 216 -8.97 -11.61 1.42
C SER A 216 -10.27 -10.94 0.99
N ILE A 217 -10.70 -10.15 1.97
CA ILE A 217 -11.85 -9.32 2.09
C ILE A 217 -11.77 -8.09 1.19
N LEU A 218 -10.59 -7.51 0.97
CA LEU A 218 -10.52 -6.37 0.08
C LEU A 218 -10.63 -6.83 -1.38
N ASP A 219 -9.99 -7.95 -1.77
CA ASP A 219 -10.19 -8.49 -3.10
C ASP A 219 -11.64 -8.93 -3.19
N ALA A 220 -12.26 -9.05 -2.03
CA ALA A 220 -13.64 -9.46 -2.06
C ALA A 220 -14.50 -8.27 -2.51
N GLY A 221 -14.22 -7.09 -1.98
CA GLY A 221 -14.85 -5.82 -2.32
C GLY A 221 -14.70 -5.41 -3.77
N GLU A 222 -13.48 -5.29 -4.26
CA GLU A 222 -13.27 -4.96 -5.66
C GLU A 222 -14.06 -5.86 -6.63
N THR A 223 -14.10 -7.15 -6.40
CA THR A 223 -14.74 -8.03 -7.36
C THR A 223 -16.24 -7.83 -7.33
N GLY A 224 -16.77 -7.54 -6.14
CA GLY A 224 -18.21 -7.53 -5.94
C GLY A 224 -18.80 -6.17 -6.29
N LYS A 225 -18.00 -5.14 -6.11
CA LYS A 225 -18.43 -3.80 -6.45
C LYS A 225 -18.41 -3.63 -7.97
N TYR A 226 -17.26 -3.88 -8.62
CA TYR A 226 -17.06 -3.55 -10.03
C TYR A 226 -16.69 -4.73 -10.93
N GLY A 227 -17.10 -5.94 -10.58
CA GLY A 227 -16.85 -7.09 -11.44
C GLY A 227 -15.51 -7.78 -11.20
N HIS A 228 -15.28 -8.87 -11.96
CA HIS A 228 -14.00 -9.54 -11.91
C HIS A 228 -13.14 -9.08 -13.09
N PRO A 229 -11.96 -8.46 -12.84
CA PRO A 229 -11.13 -7.94 -13.93
C PRO A 229 -10.91 -9.08 -14.89
N THR A 230 -11.28 -8.82 -16.14
CA THR A 230 -10.91 -9.69 -17.24
C THR A 230 -9.85 -8.95 -18.04
N PRO A 231 -9.13 -9.67 -18.93
CA PRO A 231 -7.81 -9.23 -19.39
C PRO A 231 -8.32 -8.17 -20.33
N THR A 232 -7.50 -7.13 -20.49
CA THR A 232 -7.95 -5.91 -21.09
C THR A 232 -6.71 -5.12 -21.44
N GLN A 233 -6.79 -4.42 -22.59
CA GLN A 233 -5.72 -3.59 -23.12
C GLN A 233 -6.06 -2.13 -22.86
N VAL A 234 -5.07 -1.37 -22.40
CA VAL A 234 -5.19 0.03 -22.01
C VAL A 234 -4.28 0.87 -22.88
N ASN A 235 -4.86 1.94 -23.43
CA ASN A 235 -4.11 2.92 -24.16
C ASN A 235 -3.31 3.73 -23.15
N VAL A 236 -2.05 3.96 -23.45
CA VAL A 236 -1.27 4.78 -22.54
C VAL A 236 -0.96 6.07 -23.24
N LYS A 237 -1.70 6.36 -24.30
CA LYS A 237 -1.46 7.62 -24.98
C LYS A 237 -2.56 8.61 -24.65
N ALA A 238 -2.26 9.87 -25.01
CA ALA A 238 -3.23 10.91 -24.77
C ALA A 238 -4.29 10.90 -25.89
N THR A 239 -5.44 11.54 -25.62
CA THR A 239 -6.54 11.55 -26.56
C THR A 239 -7.35 12.83 -26.43
N ALA A 240 -7.55 13.51 -27.57
CA ALA A 240 -8.68 14.40 -27.76
C ALA A 240 -8.70 15.55 -26.74
N GLY A 241 -9.82 15.69 -26.03
CA GLY A 241 -10.14 16.90 -25.30
C GLY A 241 -9.91 16.76 -23.80
N LYS A 242 -10.70 17.55 -23.04
CA LYS A 242 -10.55 17.85 -21.61
C LYS A 242 -10.56 16.60 -20.74
N CYS A 243 -9.81 16.66 -19.62
CA CYS A 243 -9.44 15.48 -18.87
C CYS A 243 -9.19 15.82 -17.42
N ILE A 244 -9.50 14.85 -16.57
CA ILE A 244 -9.18 14.80 -15.15
C ILE A 244 -8.35 13.53 -14.95
N LEU A 245 -7.16 13.62 -14.32
CA LEU A 245 -6.51 12.35 -13.99
C LEU A 245 -6.57 12.11 -12.49
N ILE A 246 -6.88 10.84 -12.19
CA ILE A 246 -7.15 10.26 -10.88
C ILE A 246 -6.09 9.17 -10.65
N SER A 247 -5.41 9.29 -9.50
CA SER A 247 -4.27 8.47 -9.15
C SER A 247 -4.58 7.83 -7.81
N GLY A 248 -3.96 6.68 -7.48
CA GLY A 248 -4.12 6.14 -6.13
C GLY A 248 -4.76 4.77 -6.18
N HIS A 249 -5.58 4.39 -5.20
CA HIS A 249 -5.99 2.99 -5.19
C HIS A 249 -7.50 2.76 -5.12
N ASP A 250 -8.31 3.82 -5.00
CA ASP A 250 -9.72 3.69 -4.63
C ASP A 250 -10.59 3.67 -5.87
N LEU A 251 -11.20 2.52 -6.14
CA LEU A 251 -11.97 2.34 -7.36
C LEU A 251 -13.33 3.03 -7.26
N LYS A 252 -13.83 3.19 -6.01
CA LYS A 252 -15.10 3.85 -5.72
C LYS A 252 -15.08 5.23 -6.36
N ASP A 253 -14.01 5.98 -6.06
CA ASP A 253 -13.84 7.34 -6.51
C ASP A 253 -13.77 7.38 -8.03
N LEU A 254 -13.25 6.33 -8.64
CA LEU A 254 -13.23 6.38 -10.09
C LEU A 254 -14.61 6.08 -10.65
N TYR A 255 -15.38 5.19 -10.02
CA TYR A 255 -16.68 4.86 -10.55
C TYR A 255 -17.57 6.07 -10.42
N ASN A 256 -17.40 6.83 -9.34
CA ASN A 256 -18.18 8.04 -9.22
C ASN A 256 -17.68 9.07 -10.23
N LEU A 257 -16.38 9.37 -10.20
CA LEU A 257 -15.88 10.43 -11.06
C LEU A 257 -16.29 10.09 -12.50
N LEU A 258 -16.59 8.81 -12.74
CA LEU A 258 -16.93 8.37 -14.08
C LEU A 258 -18.38 8.70 -14.35
N GLU A 259 -19.31 8.29 -13.49
CA GLU A 259 -20.70 8.62 -13.71
C GLU A 259 -20.83 10.12 -13.84
N GLN A 260 -20.33 10.87 -12.85
CA GLN A 260 -20.45 12.30 -12.88
C GLN A 260 -19.96 12.91 -14.19
N THR A 261 -18.86 12.41 -14.74
CA THR A 261 -18.41 12.96 -16.01
C THR A 261 -19.05 12.24 -17.20
N GLU A 262 -20.10 11.47 -16.97
CA GLU A 262 -20.65 10.62 -18.00
C GLU A 262 -21.22 11.51 -19.08
N GLY A 263 -20.52 11.60 -20.21
CA GLY A 263 -21.04 12.37 -21.31
C GLY A 263 -21.01 13.88 -21.04
N THR A 264 -20.45 14.27 -19.89
CA THR A 264 -20.00 15.65 -19.71
C THR A 264 -18.96 16.03 -20.78
N GLY A 265 -18.30 15.01 -21.33
CA GLY A 265 -17.42 15.22 -22.47
C GLY A 265 -16.00 15.48 -21.97
N VAL A 266 -15.89 15.58 -20.66
CA VAL A 266 -14.55 15.47 -20.11
C VAL A 266 -14.23 13.98 -19.93
N ASN A 267 -12.94 13.67 -20.04
CA ASN A 267 -12.40 12.31 -20.08
C ASN A 267 -11.66 12.03 -18.78
N VAL A 268 -11.59 10.74 -18.42
CA VAL A 268 -10.84 10.30 -17.24
C VAL A 268 -9.55 9.62 -17.69
N TYR A 269 -8.40 10.01 -17.11
CA TYR A 269 -7.20 9.19 -17.18
C TYR A 269 -6.80 8.65 -15.80
N THR A 270 -6.35 7.39 -15.77
CA THR A 270 -5.83 6.83 -14.55
C THR A 270 -4.33 7.11 -14.50
N HIS A 271 -3.70 6.91 -13.33
CA HIS A 271 -2.25 7.01 -13.21
C HIS A 271 -1.79 6.34 -11.93
N GLY A 272 -0.74 5.52 -12.05
CA GLY A 272 -0.20 4.90 -10.85
C GLY A 272 -0.95 3.62 -10.46
N GLU A 273 -1.54 3.66 -9.27
CA GLU A 273 -2.19 2.42 -8.89
C GLU A 273 -3.65 2.45 -9.33
N MET A 274 -4.00 3.44 -10.14
CA MET A 274 -5.37 3.46 -10.63
C MET A 274 -5.44 2.67 -11.93
N LEU A 275 -4.29 2.14 -12.41
CA LEU A 275 -4.24 1.62 -13.77
C LEU A 275 -5.22 0.46 -13.86
N PRO A 276 -5.08 -0.48 -12.91
CA PRO A 276 -5.77 -1.76 -13.00
C PRO A 276 -7.27 -1.57 -12.86
N ALA A 277 -7.70 -0.37 -12.50
CA ALA A 277 -9.11 -0.07 -12.66
C ALA A 277 -9.59 -0.56 -14.02
N HIS A 278 -8.76 -0.36 -15.05
CA HIS A 278 -9.21 -0.54 -16.41
C HIS A 278 -9.73 -1.92 -16.72
N GLY A 279 -9.32 -2.90 -15.92
CA GLY A 279 -9.61 -4.29 -16.23
C GLY A 279 -10.98 -4.65 -15.67
N TYR A 280 -11.43 -3.86 -14.67
CA TYR A 280 -12.68 -4.08 -13.98
C TYR A 280 -13.85 -3.80 -14.92
N PRO A 281 -14.79 -4.74 -15.13
CA PRO A 281 -15.83 -4.58 -16.16
C PRO A 281 -16.89 -3.49 -15.88
N GLU A 282 -17.14 -3.19 -14.62
CA GLU A 282 -18.20 -2.27 -14.25
C GLU A 282 -17.60 -0.88 -14.14
N LEU A 283 -16.41 -0.74 -14.72
CA LEU A 283 -15.55 0.41 -14.52
C LEU A 283 -14.92 0.75 -15.86
N ARG A 284 -14.67 -0.30 -16.66
CA ARG A 284 -14.21 -0.24 -18.04
C ARG A 284 -15.40 -0.02 -18.98
N LYS A 285 -16.62 -0.11 -18.41
CA LYS A 285 -17.85 0.08 -19.16
C LYS A 285 -17.81 1.48 -19.75
N PHE A 286 -17.25 2.42 -18.98
CA PHE A 286 -17.22 3.80 -19.40
C PHE A 286 -16.43 3.99 -20.68
N LYS A 287 -17.02 4.79 -21.57
CA LYS A 287 -16.43 5.02 -22.85
C LYS A 287 -15.52 6.22 -22.67
N HIS A 288 -15.61 6.92 -21.52
CA HIS A 288 -14.83 8.14 -21.41
C HIS A 288 -13.49 7.88 -20.74
N LEU A 289 -13.33 6.84 -19.90
CA LEU A 289 -11.96 6.64 -19.43
C LEU A 289 -11.04 6.18 -20.58
N VAL A 290 -10.19 7.11 -21.04
CA VAL A 290 -9.65 7.01 -22.38
C VAL A 290 -8.45 6.08 -22.34
N GLY A 291 -7.54 6.41 -21.43
CA GLY A 291 -6.29 5.69 -21.41
C GLY A 291 -5.78 5.60 -20.00
N ASN A 292 -4.47 5.79 -19.88
CA ASN A 292 -3.79 5.79 -18.60
C ASN A 292 -2.54 6.62 -18.87
N TYR A 293 -2.27 7.53 -17.93
CA TYR A 293 -1.38 8.63 -18.22
C TYR A 293 -0.19 8.54 -17.30
N GLY A 294 1.00 8.62 -17.91
CA GLY A 294 2.24 8.77 -17.19
C GLY A 294 2.57 7.45 -16.53
N SER A 295 3.31 7.55 -15.42
CA SER A 295 4.00 6.37 -14.94
C SER A 295 4.58 6.58 -13.56
N GLY A 296 4.18 5.77 -12.58
CA GLY A 296 4.95 5.62 -11.34
C GLY A 296 4.86 6.82 -10.40
N TRP A 297 4.74 6.55 -9.11
CA TRP A 297 4.32 7.67 -8.27
C TRP A 297 5.51 8.59 -8.18
N GLN A 298 6.66 7.94 -8.29
CA GLN A 298 7.94 8.55 -8.08
C GLN A 298 8.09 9.84 -8.91
N ASN A 299 7.29 10.04 -9.97
CA ASN A 299 7.39 11.25 -10.76
C ASN A 299 6.04 11.93 -11.01
N GLN A 300 5.17 12.01 -10.02
CA GLN A 300 4.05 12.92 -10.20
C GLN A 300 4.55 14.29 -10.67
N GLN A 301 5.59 14.78 -9.97
CA GLN A 301 5.95 16.19 -9.93
C GLN A 301 5.98 16.80 -11.33
N VAL A 302 6.58 16.07 -12.27
CA VAL A 302 6.98 16.62 -13.56
C VAL A 302 5.97 16.20 -14.63
N GLU A 303 5.03 15.33 -14.23
CA GLU A 303 4.05 14.75 -15.14
C GLU A 303 2.69 15.32 -14.84
N PHE A 304 2.35 15.40 -13.55
CA PHE A 304 1.09 16.05 -13.24
C PHE A 304 1.17 17.47 -13.76
N ALA A 305 2.40 17.99 -13.77
CA ALA A 305 2.60 19.36 -14.17
C ALA A 305 2.25 19.49 -15.64
N ARG A 306 2.43 18.39 -16.40
CA ARG A 306 2.29 18.44 -17.84
C ARG A 306 0.87 18.09 -18.27
N PHE A 307 0.15 17.34 -17.42
CA PHE A 307 -1.22 16.91 -17.68
C PHE A 307 -2.19 18.09 -17.65
N PRO A 308 -2.97 18.34 -18.73
CA PRO A 308 -3.85 19.48 -18.79
C PRO A 308 -4.78 19.67 -17.60
N GLY A 309 -5.67 18.70 -17.38
CA GLY A 309 -6.75 18.91 -16.44
C GLY A 309 -6.33 18.85 -14.96
N PRO A 310 -7.32 18.84 -14.06
CA PRO A 310 -7.04 18.69 -12.64
C PRO A 310 -6.67 17.23 -12.29
N ILE A 311 -6.12 17.02 -11.08
CA ILE A 311 -5.80 15.69 -10.61
C ILE A 311 -6.47 15.40 -9.28
N VAL A 312 -7.01 14.18 -9.18
CA VAL A 312 -7.71 13.73 -8.00
C VAL A 312 -6.86 12.64 -7.36
N MET A 313 -6.38 12.87 -6.12
CA MET A 313 -5.55 11.88 -5.43
C MET A 313 -6.39 10.95 -4.55
N THR A 314 -6.64 9.72 -5.02
CA THR A 314 -7.51 8.86 -4.25
C THR A 314 -6.84 8.50 -2.93
N SER A 315 -5.50 8.26 -2.94
CA SER A 315 -4.79 7.74 -1.76
C SER A 315 -3.37 7.27 -2.07
N ASN A 316 -2.44 7.72 -1.21
CA ASN A 316 -1.05 7.32 -1.13
C ASN A 316 -0.31 7.92 -2.30
N CYS A 317 1.03 7.85 -2.23
CA CYS A 317 1.91 8.33 -3.27
C CYS A 317 1.42 9.66 -3.89
N ILE A 318 1.30 10.64 -2.98
CA ILE A 318 1.21 12.08 -3.24
C ILE A 318 2.50 12.69 -2.74
N ILE A 319 3.11 13.54 -3.56
CA ILE A 319 4.18 14.32 -2.95
C ILE A 319 3.87 15.79 -3.18
N ASP A 320 4.78 16.61 -2.63
CA ASP A 320 4.76 18.05 -2.70
C ASP A 320 4.29 18.58 -4.04
N PRO A 321 3.03 19.06 -4.12
CA PRO A 321 2.46 19.56 -5.38
C PRO A 321 2.92 20.95 -5.78
N THR A 322 3.63 21.63 -4.87
CA THR A 322 3.95 23.02 -5.09
C THR A 322 5.01 23.13 -6.17
N VAL A 323 5.86 22.09 -6.29
CA VAL A 323 7.00 22.04 -7.19
C VAL A 323 6.59 22.18 -8.64
N GLY A 324 5.52 21.44 -9.01
CA GLY A 324 5.06 21.46 -10.39
C GLY A 324 4.03 22.55 -10.67
N ALA A 325 3.78 23.40 -9.66
CA ALA A 325 2.72 24.42 -9.68
C ALA A 325 1.45 23.89 -10.35
N TYR A 326 0.92 22.85 -9.70
CA TYR A 326 -0.34 22.26 -10.05
C TYR A 326 -1.17 22.14 -8.77
N ASP A 327 -0.84 22.95 -7.74
CA ASP A 327 -1.43 22.81 -6.42
C ASP A 327 -2.88 23.32 -6.38
N ASP A 328 -3.19 24.27 -7.27
CA ASP A 328 -4.55 24.75 -7.48
C ASP A 328 -5.48 23.63 -7.98
N ARG A 329 -4.93 22.63 -8.70
CA ARG A 329 -5.74 21.64 -9.40
C ARG A 329 -5.40 20.20 -8.97
N ILE A 330 -4.81 20.04 -7.79
CA ILE A 330 -4.77 18.75 -7.13
C ILE A 330 -5.85 18.80 -6.05
N TRP A 331 -6.60 17.69 -5.94
CA TRP A 331 -7.69 17.50 -5.00
C TRP A 331 -7.40 16.24 -4.18
N THR A 332 -7.07 16.41 -2.90
CA THR A 332 -6.79 15.27 -2.04
C THR A 332 -8.15 14.75 -1.60
N ARG A 333 -8.34 13.43 -1.58
CA ARG A 333 -9.58 12.85 -1.07
C ARG A 333 -9.34 12.11 0.25
N SER A 334 -10.44 11.67 0.89
CA SER A 334 -10.32 10.67 1.94
C SER A 334 -9.41 11.12 3.10
N ILE A 335 -8.25 10.45 3.25
CA ILE A 335 -7.25 10.68 4.29
C ILE A 335 -5.96 11.25 3.69
N VAL A 336 -5.87 11.23 2.36
CA VAL A 336 -4.76 11.91 1.69
C VAL A 336 -4.82 13.37 2.13
N GLY A 337 -3.67 13.95 2.49
CA GLY A 337 -3.67 15.37 2.82
C GLY A 337 -2.34 16.04 2.51
N TRP A 338 -2.43 17.22 1.88
CA TRP A 338 -1.27 18.07 1.68
C TRP A 338 -1.65 19.50 2.02
N PRO A 339 -0.89 20.25 2.86
CA PRO A 339 -1.35 21.51 3.45
C PRO A 339 -1.62 22.53 2.34
N GLY A 340 -2.86 23.05 2.29
CA GLY A 340 -3.21 24.14 1.38
C GLY A 340 -3.70 23.69 0.02
N VAL A 341 -3.48 22.41 -0.32
CA VAL A 341 -4.06 21.85 -1.52
C VAL A 341 -5.45 21.33 -1.17
N ARG A 342 -6.41 21.64 -2.04
CA ARG A 342 -7.83 21.46 -1.82
C ARG A 342 -8.16 20.02 -1.46
N HIS A 343 -8.92 19.81 -0.35
CA HIS A 343 -9.43 18.50 0.02
C HIS A 343 -10.92 18.35 -0.30
N LEU A 344 -11.22 17.35 -1.13
CA LEU A 344 -12.55 17.13 -1.66
C LEU A 344 -13.16 15.98 -0.88
N ASP A 345 -13.83 16.32 0.22
CA ASP A 345 -14.69 15.32 0.83
C ASP A 345 -16.05 15.47 0.16
N GLY A 346 -16.91 14.47 0.40
CA GLY A 346 -18.16 14.36 -0.33
C GLY A 346 -17.96 13.57 -1.62
N ASP A 347 -19.05 13.05 -2.19
CA ASP A 347 -18.89 12.23 -3.36
C ASP A 347 -19.21 13.00 -4.62
N ASP A 348 -19.18 14.33 -4.46
CA ASP A 348 -19.46 15.28 -5.52
C ASP A 348 -18.16 15.79 -6.12
N PHE A 349 -17.95 15.40 -7.38
CA PHE A 349 -16.74 15.69 -8.13
C PHE A 349 -16.97 16.90 -9.01
N SER A 350 -18.18 17.48 -8.95
CA SER A 350 -18.52 18.43 -10.01
C SER A 350 -17.67 19.69 -9.89
N ALA A 351 -17.09 19.89 -8.71
CA ALA A 351 -16.11 20.93 -8.46
C ALA A 351 -14.91 20.82 -9.44
N VAL A 352 -14.42 19.59 -9.50
CA VAL A 352 -13.21 19.32 -10.26
C VAL A 352 -13.60 19.07 -11.72
N ILE A 353 -14.85 18.70 -11.97
CA ILE A 353 -15.25 18.60 -13.35
C ILE A 353 -15.24 20.00 -13.94
N THR A 354 -15.95 20.91 -13.29
CA THR A 354 -15.97 22.27 -13.83
C THR A 354 -14.54 22.80 -13.90
N GLN A 355 -13.64 22.34 -13.00
CA GLN A 355 -12.29 22.87 -13.07
C GLN A 355 -11.57 22.32 -14.29
N ALA A 356 -11.96 21.09 -14.65
CA ALA A 356 -11.35 20.38 -15.76
C ALA A 356 -11.74 21.09 -17.04
N GLN A 357 -12.94 21.68 -17.01
CA GLN A 357 -13.52 22.30 -18.19
C GLN A 357 -12.87 23.64 -18.42
N GLN A 358 -12.45 24.31 -17.34
CA GLN A 358 -11.80 25.59 -17.51
C GLN A 358 -10.45 25.40 -18.23
N MET A 359 -9.73 24.28 -17.97
CA MET A 359 -8.35 24.02 -18.41
C MET A 359 -8.21 23.69 -19.89
N ALA A 360 -6.97 23.35 -20.29
CA ALA A 360 -6.63 23.16 -21.70
C ALA A 360 -7.18 21.84 -22.25
N GLY A 361 -7.14 20.78 -21.43
CA GLY A 361 -7.20 19.42 -21.96
C GLY A 361 -6.13 19.17 -23.03
N PHE A 362 -6.31 18.08 -23.79
CA PHE A 362 -5.32 17.72 -24.79
C PHE A 362 -5.59 18.45 -26.09
N PRO A 363 -4.62 18.47 -27.04
CA PRO A 363 -4.78 19.14 -28.32
C PRO A 363 -5.16 18.18 -29.45
N TYR A 364 -4.77 16.90 -29.29
CA TYR A 364 -5.14 15.83 -30.20
C TYR A 364 -5.10 14.50 -29.45
N SER A 365 -5.22 13.40 -30.21
CA SER A 365 -4.80 12.05 -29.82
C SER A 365 -3.40 11.78 -30.39
N GLU A 366 -2.58 11.01 -29.68
CA GLU A 366 -1.40 10.47 -30.35
C GLU A 366 -1.74 9.11 -30.91
N ILE A 367 -0.97 8.75 -31.93
CA ILE A 367 -0.96 7.41 -32.47
C ILE A 367 -0.85 6.46 -31.28
N PRO A 368 -1.88 5.63 -30.97
CA PRO A 368 -2.02 5.00 -29.65
C PRO A 368 -1.16 3.74 -29.49
N HIS A 369 -0.97 3.33 -28.24
CA HIS A 369 -0.09 2.23 -27.87
C HIS A 369 -0.67 1.59 -26.61
N LEU A 370 -1.14 0.34 -26.69
CA LEU A 370 -1.81 -0.25 -25.53
C LEU A 370 -0.95 -1.31 -24.85
N ILE A 371 -1.05 -1.37 -23.51
CA ILE A 371 -0.51 -2.45 -22.70
C ILE A 371 -1.68 -3.27 -22.17
N THR A 372 -1.40 -4.40 -21.48
CA THR A 372 -2.45 -5.33 -21.08
C THR A 372 -2.46 -5.53 -19.57
N VAL A 373 -3.68 -5.51 -19.07
CA VAL A 373 -3.90 -5.29 -17.65
C VAL A 373 -5.13 -6.11 -17.28
N GLY A 374 -5.35 -6.25 -15.94
CA GLY A 374 -6.42 -6.96 -15.26
C GLY A 374 -6.42 -8.48 -15.45
N PHE A 375 -5.34 -9.16 -15.01
CA PHE A 375 -5.35 -10.58 -14.73
C PHE A 375 -5.83 -10.82 -13.30
N GLY A 376 -7.17 -10.92 -13.21
CA GLY A 376 -7.99 -10.86 -12.01
C GLY A 376 -7.62 -11.98 -11.05
N ARG A 377 -8.19 -11.98 -9.84
CA ARG A 377 -7.95 -13.20 -9.06
C ARG A 377 -8.58 -14.32 -9.87
N GLN A 378 -9.76 -14.02 -10.37
CA GLN A 378 -10.52 -14.94 -11.16
C GLN A 378 -9.74 -15.35 -12.39
N THR A 379 -9.26 -14.33 -13.13
CA THR A 379 -8.83 -14.68 -14.47
C THR A 379 -7.42 -15.26 -14.37
N LEU A 380 -6.76 -15.10 -13.21
CA LEU A 380 -5.46 -15.71 -13.05
C LEU A 380 -5.58 -17.23 -12.89
N LEU A 381 -6.47 -17.69 -11.98
CA LEU A 381 -6.79 -19.10 -11.81
C LEU A 381 -7.37 -19.67 -13.10
N GLY A 382 -7.79 -18.78 -13.99
CA GLY A 382 -8.29 -19.23 -15.29
C GLY A 382 -7.15 -19.90 -16.03
N ALA A 383 -5.99 -19.22 -15.96
CA ALA A 383 -4.72 -19.51 -16.61
C ALA A 383 -4.06 -20.75 -16.05
N ALA A 384 -4.29 -21.06 -14.78
CA ALA A 384 -3.43 -21.95 -14.05
C ALA A 384 -3.29 -23.28 -14.78
N ASP A 385 -4.37 -23.99 -15.06
CA ASP A 385 -4.15 -25.32 -15.62
C ASP A 385 -3.55 -25.22 -17.04
N THR A 386 -3.46 -24.02 -17.62
CA THR A 386 -2.70 -23.87 -18.87
C THR A 386 -1.26 -23.44 -18.60
N LEU A 387 -1.05 -22.74 -17.50
CA LEU A 387 0.30 -22.49 -17.00
C LEU A 387 0.98 -23.85 -16.74
N ILE A 388 0.31 -24.74 -16.02
CA ILE A 388 0.77 -26.07 -15.64
C ILE A 388 0.98 -26.93 -16.86
N ASP A 389 0.17 -26.77 -17.90
CA ASP A 389 0.38 -27.46 -19.15
C ASP A 389 1.65 -26.91 -19.79
N LEU A 390 1.72 -25.59 -19.93
CA LEU A 390 2.81 -24.99 -20.66
C LEU A 390 4.11 -25.39 -20.01
N VAL A 391 4.11 -25.55 -18.68
CA VAL A 391 5.31 -25.88 -17.92
C VAL A 391 5.62 -27.34 -18.23
N SER A 392 4.54 -28.13 -18.40
CA SER A 392 4.55 -29.58 -18.47
C SER A 392 4.77 -30.03 -19.90
N ARG A 393 5.25 -29.10 -20.72
CA ARG A 393 5.62 -29.34 -22.10
C ARG A 393 6.87 -28.53 -22.38
N GLU A 394 7.63 -28.22 -21.32
CA GLU A 394 8.81 -27.37 -21.29
C GLU A 394 8.69 -26.19 -22.27
N LYS A 395 7.51 -25.56 -22.30
CA LYS A 395 7.26 -24.29 -22.97
C LYS A 395 7.42 -23.13 -21.99
N LEU A 396 6.86 -23.30 -20.78
CA LEU A 396 6.98 -22.29 -19.72
C LEU A 396 8.12 -22.71 -18.84
N ARG A 397 9.22 -21.95 -18.87
CA ARG A 397 10.43 -22.39 -18.22
C ARG A 397 10.34 -22.18 -16.72
N HIS A 398 10.22 -20.92 -16.27
CA HIS A 398 9.66 -20.69 -14.94
C HIS A 398 9.10 -19.28 -14.86
N ILE A 399 8.15 -19.07 -13.93
CA ILE A 399 7.38 -17.86 -13.72
C ILE A 399 8.10 -16.88 -12.77
N PHE A 400 8.10 -15.58 -13.11
CA PHE A 400 8.86 -14.60 -12.34
C PHE A 400 8.01 -13.45 -11.83
N LEU A 401 8.08 -13.15 -10.53
CA LEU A 401 7.13 -12.19 -10.00
C LEU A 401 7.85 -10.89 -9.79
N LEU A 402 7.87 -10.04 -10.82
CA LEU A 402 8.50 -8.75 -10.67
C LEU A 402 7.50 -7.75 -10.10
N GLY A 403 7.72 -7.36 -8.84
CA GLY A 403 6.59 -6.83 -8.11
C GLY A 403 6.98 -5.63 -7.28
N GLY A 404 5.97 -5.13 -6.53
CA GLY A 404 6.11 -4.09 -5.52
C GLY A 404 6.38 -2.70 -6.11
N CSS A 405 6.42 -1.70 -5.24
CA CSS A 405 6.46 -0.28 -5.51
CB CSS A 405 6.60 0.35 -4.19
SG CSS A 405 5.68 -0.67 -3.01
SD CSS A 405 4.67 0.56 -1.72
C CSS A 405 7.54 0.18 -6.47
O CSS A 405 8.45 -0.53 -6.83
N ASP A 406 7.37 1.40 -6.94
CA ASP A 406 8.41 2.11 -7.65
C ASP A 406 8.96 3.09 -6.62
N GLY A 407 10.25 3.38 -6.70
CA GLY A 407 10.87 4.45 -5.92
C GLY A 407 11.58 5.41 -6.87
N ALA A 408 12.63 6.07 -6.40
CA ALA A 408 13.18 7.14 -7.22
C ALA A 408 14.59 6.84 -7.70
N ARG A 409 15.41 6.24 -6.83
CA ARG A 409 16.82 6.02 -7.10
C ARG A 409 17.02 5.29 -8.42
N GLY A 410 18.05 5.71 -9.16
CA GLY A 410 18.55 5.03 -10.36
C GLY A 410 18.83 3.55 -10.15
N GLU A 411 19.10 3.13 -8.88
CA GLU A 411 19.41 1.73 -8.56
C GLU A 411 18.24 0.84 -8.95
N ARG A 412 17.07 1.44 -9.21
CA ARG A 412 15.90 0.68 -9.61
C ARG A 412 16.02 0.22 -11.07
N HIS A 413 16.99 0.75 -11.81
CA HIS A 413 17.20 0.21 -13.15
C HIS A 413 17.09 -1.31 -13.12
N TYR A 414 17.58 -1.93 -12.02
CA TYR A 414 17.62 -3.37 -11.82
C TYR A 414 16.36 -4.02 -12.38
N PHE A 415 15.21 -3.45 -12.02
CA PHE A 415 13.93 -4.11 -12.16
C PHE A 415 13.56 -4.11 -13.63
N THR A 416 13.95 -3.01 -14.28
CA THR A 416 13.73 -2.90 -15.70
C THR A 416 14.61 -3.93 -16.41
N ASP A 417 15.87 -3.98 -15.97
CA ASP A 417 16.82 -4.79 -16.69
C ASP A 417 16.50 -6.25 -16.42
N PHE A 418 16.17 -6.52 -15.15
CA PHE A 418 15.81 -7.87 -14.77
C PHE A 418 14.76 -8.37 -15.76
N ALA A 419 13.77 -7.52 -16.03
CA ALA A 419 12.53 -7.90 -16.69
C ALA A 419 12.73 -8.20 -18.17
N THR A 420 13.44 -7.32 -18.89
CA THR A 420 13.71 -7.56 -20.30
C THR A 420 14.48 -8.87 -20.47
N SER A 421 15.42 -9.08 -19.53
CA SER A 421 16.45 -10.11 -19.53
C SER A 421 15.97 -11.43 -18.90
N VAL A 422 14.72 -11.48 -18.42
CA VAL A 422 14.04 -12.75 -18.22
C VAL A 422 13.96 -13.41 -19.57
N PRO A 423 14.35 -14.69 -19.63
CA PRO A 423 14.37 -15.44 -20.90
C PRO A 423 13.00 -15.62 -21.55
N ASP A 424 13.03 -15.78 -22.88
CA ASP A 424 11.86 -15.66 -23.73
C ASP A 424 10.94 -16.87 -23.58
N ASP A 425 11.18 -17.71 -22.59
CA ASP A 425 10.35 -18.89 -22.48
C ASP A 425 9.75 -18.95 -21.09
N CYS A 426 9.67 -17.78 -20.42
CA CYS A 426 9.01 -17.69 -19.13
C CYS A 426 8.32 -16.34 -18.87
N LEU A 427 7.21 -16.44 -18.11
CA LEU A 427 6.30 -15.38 -17.72
C LEU A 427 6.93 -14.40 -16.76
N ILE A 428 6.37 -13.17 -16.80
CA ILE A 428 6.38 -12.25 -15.67
C ILE A 428 4.97 -12.04 -15.12
N LEU A 429 4.87 -12.26 -13.82
CA LEU A 429 3.64 -11.85 -13.19
C LEU A 429 4.00 -10.59 -12.40
N THR A 430 3.75 -9.41 -12.99
CA THR A 430 3.97 -8.17 -12.26
C THR A 430 2.70 -7.76 -11.53
N LEU A 431 2.88 -6.88 -10.52
CA LEU A 431 1.74 -6.43 -9.72
C LEU A 431 2.11 -5.28 -8.76
N ALA A 432 2.42 -4.03 -9.23
CA ALA A 432 2.46 -2.82 -8.34
C ALA A 432 2.77 -1.49 -9.06
N CYS A 433 3.19 -0.33 -8.42
CA CYS A 433 3.48 0.82 -9.34
C CYS A 433 4.84 0.63 -9.97
N GLY A 434 5.56 -0.32 -9.39
CA GLY A 434 6.80 -0.65 -10.03
C GLY A 434 6.43 -1.42 -11.28
N LYS A 435 5.13 -1.56 -11.52
CA LYS A 435 4.87 -2.27 -12.74
C LYS A 435 5.45 -1.45 -13.89
N TYR A 436 5.54 -0.13 -13.65
CA TYR A 436 5.78 0.92 -14.63
C TYR A 436 7.25 0.94 -15.00
N ARG A 437 8.00 0.09 -14.31
CA ARG A 437 9.44 -0.05 -14.42
C ARG A 437 9.79 -0.61 -15.80
N PHE A 438 9.01 -1.59 -16.26
CA PHE A 438 9.32 -2.31 -17.49
C PHE A 438 8.06 -2.49 -18.34
N ASN A 439 7.00 -1.78 -17.94
CA ASN A 439 5.59 -2.08 -18.16
C ASN A 439 5.18 -1.78 -19.60
N LYS A 440 5.75 -0.70 -20.13
CA LYS A 440 5.38 -0.31 -21.48
C LYS A 440 6.34 -0.90 -22.52
N LEU A 441 7.33 -1.70 -22.10
CA LEU A 441 8.25 -2.31 -23.06
C LEU A 441 7.68 -3.64 -23.51
N GLU A 442 8.12 -4.09 -24.71
CA GLU A 442 7.51 -5.16 -25.51
C GLU A 442 7.78 -6.56 -24.92
N PHE A 443 6.79 -7.47 -24.92
CA PHE A 443 7.08 -8.69 -24.18
C PHE A 443 6.78 -9.98 -24.93
N GLY A 444 5.80 -9.97 -25.85
CA GLY A 444 5.41 -11.20 -26.54
C GLY A 444 4.60 -12.18 -25.68
N ASP A 445 4.30 -13.36 -26.26
CA ASP A 445 3.56 -14.39 -25.54
C ASP A 445 4.24 -15.74 -25.67
N ILE A 446 3.74 -16.66 -24.83
CA ILE A 446 4.06 -18.07 -24.92
C ILE A 446 2.74 -18.76 -25.24
N GLU A 447 2.53 -18.96 -26.55
CA GLU A 447 1.33 -19.61 -27.02
C GLU A 447 0.08 -18.82 -26.67
N GLY A 448 0.15 -17.48 -26.73
CA GLY A 448 -1.02 -16.62 -26.56
C GLY A 448 -1.07 -15.92 -25.20
N LEU A 449 -0.70 -16.68 -24.16
CA LEU A 449 -0.51 -16.18 -22.83
C LEU A 449 0.59 -15.13 -22.84
N PRO A 450 0.32 -13.86 -22.52
CA PRO A 450 1.32 -12.81 -22.64
C PRO A 450 2.39 -13.02 -21.59
N ARG A 451 3.66 -12.76 -21.97
CA ARG A 451 4.83 -12.98 -21.12
C ARG A 451 4.87 -11.99 -19.96
N LEU A 452 4.22 -10.82 -20.14
CA LEU A 452 3.98 -9.84 -19.09
C LEU A 452 2.50 -9.84 -18.69
N VAL A 453 2.26 -10.43 -17.52
CA VAL A 453 0.93 -10.64 -17.01
C VAL A 453 0.77 -9.74 -15.80
N ASP A 454 0.11 -8.59 -16.02
CA ASP A 454 -0.22 -7.72 -14.91
C ASP A 454 -1.39 -8.29 -14.09
N ALA A 455 -1.23 -8.27 -12.75
CA ALA A 455 -2.20 -8.87 -11.85
C ALA A 455 -2.98 -7.77 -11.19
N GLY A 456 -2.64 -6.53 -11.53
CA GLY A 456 -3.18 -5.37 -10.87
C GLY A 456 -2.27 -4.79 -9.77
N GLN A 457 -2.86 -4.64 -8.58
CA GLN A 457 -2.42 -3.62 -7.66
C GLN A 457 -1.61 -4.26 -6.55
N CYS A 458 -0.77 -3.46 -5.89
CA CYS A 458 -0.08 -3.96 -4.72
C CYS A 458 -1.02 -4.85 -3.93
N ASN A 459 -2.27 -4.42 -3.78
CA ASN A 459 -3.14 -5.15 -2.88
C ASN A 459 -3.50 -6.52 -3.47
N ASP A 460 -3.05 -6.77 -4.69
CA ASP A 460 -3.45 -7.95 -5.44
C ASP A 460 -2.36 -8.99 -5.37
N ALA A 461 -1.38 -8.80 -4.49
CA ALA A 461 -0.45 -9.87 -4.24
C ALA A 461 -1.27 -11.06 -3.72
N TYR A 462 -2.38 -10.74 -3.03
CA TYR A 462 -3.36 -11.75 -2.64
C TYR A 462 -3.75 -12.57 -3.86
N SER A 463 -3.94 -11.94 -5.02
CA SER A 463 -4.16 -12.69 -6.26
C SER A 463 -2.98 -13.59 -6.63
N ALA A 464 -1.77 -13.00 -6.57
CA ALA A 464 -0.57 -13.71 -6.93
C ALA A 464 -0.40 -14.88 -5.96
N ILE A 465 -0.45 -14.59 -4.65
CA ILE A 465 -0.33 -15.66 -3.68
C ILE A 465 -1.25 -16.81 -4.09
N ILE A 466 -2.50 -16.50 -4.39
CA ILE A 466 -3.53 -17.50 -4.60
C ILE A 466 -3.30 -18.35 -5.85
N LEU A 467 -2.78 -17.70 -6.91
CA LEU A 467 -2.30 -18.41 -8.10
C LEU A 467 -1.27 -19.50 -7.74
N ALA A 468 -0.18 -19.07 -7.05
CA ALA A 468 0.82 -19.98 -6.51
C ALA A 468 0.14 -21.10 -5.71
N VAL A 469 -0.73 -20.77 -4.77
CA VAL A 469 -1.32 -21.85 -4.02
C VAL A 469 -2.04 -22.82 -4.94
N THR A 470 -2.80 -22.34 -5.93
CA THR A 470 -3.52 -23.28 -6.80
C THR A 470 -2.55 -23.99 -7.73
N LEU A 471 -1.35 -23.43 -7.97
CA LEU A 471 -0.31 -24.16 -8.70
C LEU A 471 0.31 -25.25 -7.83
N ALA A 472 0.59 -24.92 -6.57
CA ALA A 472 1.05 -25.93 -5.63
C ALA A 472 -0.05 -26.96 -5.43
N GLU A 473 -1.29 -26.52 -5.31
CA GLU A 473 -2.40 -27.46 -5.16
C GLU A 473 -2.27 -28.50 -6.27
N LYS A 474 -2.06 -28.02 -7.50
CA LYS A 474 -2.35 -28.81 -8.68
C LYS A 474 -1.21 -29.75 -8.94
N LEU A 475 0.00 -29.25 -8.70
CA LEU A 475 1.20 -29.98 -9.03
C LEU A 475 1.64 -30.83 -7.84
N GLY A 476 0.67 -31.29 -7.03
CA GLY A 476 0.90 -32.03 -5.80
C GLY A 476 2.14 -31.59 -5.02
N CYS A 477 2.50 -30.29 -4.98
CA CYS A 477 3.78 -29.90 -4.40
C CYS A 477 3.59 -28.89 -3.29
N GLY A 478 4.53 -27.97 -3.20
CA GLY A 478 4.49 -27.02 -2.11
C GLY A 478 4.87 -25.68 -2.70
N VAL A 479 4.62 -24.64 -1.95
CA VAL A 479 4.67 -23.33 -2.58
C VAL A 479 6.04 -22.96 -3.16
N ASN A 480 7.16 -23.55 -2.70
CA ASN A 480 8.44 -23.15 -3.29
C ASN A 480 9.07 -24.31 -4.07
N ASP A 481 8.41 -25.46 -4.04
CA ASP A 481 8.71 -26.42 -5.09
C ASP A 481 8.26 -25.86 -6.42
N LEU A 482 7.30 -24.93 -6.42
CA LEU A 482 6.86 -24.28 -7.65
C LEU A 482 8.02 -23.70 -8.45
N PRO A 483 8.02 -23.77 -9.81
CA PRO A 483 9.03 -23.08 -10.59
C PRO A 483 8.64 -21.62 -10.65
N LEU A 484 8.69 -20.91 -9.51
CA LEU A 484 8.54 -19.46 -9.47
C LEU A 484 9.38 -18.94 -8.30
N SER A 485 10.23 -17.95 -8.59
CA SER A 485 10.70 -17.08 -7.51
C SER A 485 10.11 -15.68 -7.64
N LEU A 486 10.29 -14.91 -6.57
CA LEU A 486 9.75 -13.58 -6.36
C LEU A 486 10.86 -12.53 -6.27
N VAL A 487 10.89 -11.60 -7.21
CA VAL A 487 11.83 -10.50 -7.11
C VAL A 487 11.04 -9.21 -6.97
N LEU A 488 10.73 -8.88 -5.72
CA LEU A 488 9.85 -7.77 -5.40
C LEU A 488 10.71 -6.53 -5.17
N SER A 489 10.18 -5.40 -5.62
CA SER A 489 10.60 -4.06 -5.25
C SER A 489 9.79 -3.61 -4.04
N TRP A 490 10.12 -2.48 -3.41
CA TRP A 490 9.24 -2.08 -2.33
C TRP A 490 9.38 -0.58 -2.06
N PHE A 491 8.35 0.08 -1.51
CA PHE A 491 8.59 1.44 -1.04
C PHE A 491 7.89 1.80 0.28
N GLU A 492 6.72 1.23 0.59
CA GLU A 492 6.05 1.65 1.81
C GLU A 492 5.38 0.48 2.53
N GLN A 493 4.54 0.84 3.50
CA GLN A 493 4.08 0.02 4.61
C GLN A 493 3.19 -1.11 4.08
N LYS A 494 2.39 -0.82 3.05
CA LYS A 494 1.68 -1.91 2.43
C LYS A 494 2.67 -2.90 1.86
N ALA A 495 3.79 -2.43 1.29
CA ALA A 495 4.58 -3.51 0.74
C ALA A 495 5.34 -4.24 1.83
N ILE A 496 5.60 -3.58 2.97
CA ILE A 496 6.13 -4.25 4.16
C ILE A 496 5.18 -5.37 4.57
N VAL A 497 3.87 -5.06 4.59
CA VAL A 497 2.86 -5.99 5.06
C VAL A 497 2.66 -7.14 4.06
N ILE A 498 2.77 -6.87 2.75
CA ILE A 498 2.77 -7.98 1.82
C ILE A 498 3.99 -8.86 2.07
N LEU A 499 5.16 -8.28 2.37
CA LEU A 499 6.34 -9.11 2.65
C LEU A 499 6.06 -10.01 3.84
N LEU A 500 5.49 -9.42 4.90
CA LEU A 500 5.09 -10.17 6.09
C LEU A 500 4.19 -11.34 5.70
N THR A 501 3.13 -11.07 4.92
CA THR A 501 2.20 -12.16 4.67
C THR A 501 2.84 -13.18 3.73
N LEU A 502 3.70 -12.71 2.82
CA LEU A 502 4.39 -13.63 1.93
C LEU A 502 5.25 -14.60 2.75
N LEU A 503 5.89 -14.06 3.81
CA LEU A 503 6.82 -14.74 4.72
C LEU A 503 5.98 -15.64 5.60
N SER A 504 4.81 -15.10 5.94
CA SER A 504 3.91 -15.79 6.83
C SER A 504 3.32 -16.97 6.09
N LEU A 505 3.04 -16.80 4.80
CA LEU A 505 2.66 -17.89 3.90
C LEU A 505 3.83 -18.87 3.82
N GLY A 506 5.02 -18.32 4.10
CA GLY A 506 6.21 -19.08 4.35
C GLY A 506 6.97 -19.22 3.05
N VAL A 507 6.60 -18.38 2.08
CA VAL A 507 7.35 -18.42 0.85
C VAL A 507 8.79 -18.04 1.21
N LYS A 508 9.71 -18.98 1.01
CA LYS A 508 11.12 -18.73 1.31
C LYS A 508 11.79 -18.39 -0.01
N ASN A 509 12.83 -17.54 0.07
CA ASN A 509 13.72 -17.16 -1.01
C ASN A 509 13.14 -15.98 -1.81
N ILE A 510 12.78 -14.93 -1.06
CA ILE A 510 12.27 -13.69 -1.60
C ILE A 510 13.46 -12.84 -2.01
N VAL A 511 13.28 -11.81 -2.85
CA VAL A 511 14.44 -11.03 -3.21
C VAL A 511 14.12 -9.52 -3.13
N THR A 512 13.83 -8.95 -1.95
CA THR A 512 13.53 -7.51 -1.98
C THR A 512 14.76 -6.70 -2.36
N GLY A 513 14.54 -5.69 -3.21
CA GLY A 513 15.40 -4.53 -3.39
C GLY A 513 14.56 -3.26 -3.61
N PRO A 514 15.16 -2.12 -4.06
CA PRO A 514 16.57 -2.08 -4.44
C PRO A 514 17.49 -1.88 -3.23
N THR A 515 16.90 -1.56 -2.08
CA THR A 515 17.60 -1.79 -0.82
C THR A 515 16.64 -2.43 0.16
N ALA A 516 17.16 -2.94 1.27
CA ALA A 516 16.25 -3.52 2.25
C ALA A 516 15.98 -2.46 3.33
N PRO A 517 14.93 -2.60 4.17
CA PRO A 517 14.43 -1.51 5.02
C PRO A 517 15.43 -0.86 5.98
N GLY A 518 15.08 0.34 6.47
CA GLY A 518 16.00 1.12 7.27
C GLY A 518 16.22 0.59 8.70
N PHE A 519 15.24 -0.16 9.20
CA PHE A 519 15.20 -0.61 10.60
C PHE A 519 15.65 -2.07 10.65
N LEU A 520 15.97 -2.66 9.49
CA LEU A 520 16.54 -4.00 9.49
C LEU A 520 18.08 -3.90 9.54
N THR A 521 18.63 -4.21 10.74
CA THR A 521 20.05 -4.21 11.03
C THR A 521 20.66 -5.36 10.23
N PRO A 522 21.91 -5.28 9.73
CA PRO A 522 22.57 -6.41 9.07
C PRO A 522 22.48 -7.75 9.81
N ASP A 523 22.31 -7.64 11.14
CA ASP A 523 22.06 -8.74 12.06
C ASP A 523 20.69 -9.35 11.78
N LEU A 524 19.68 -8.51 11.93
CA LEU A 524 18.30 -8.92 11.89
C LEU A 524 17.96 -9.44 10.49
N LEU A 525 18.41 -8.72 9.47
CA LEU A 525 18.00 -9.14 8.13
C LEU A 525 18.80 -10.40 7.78
N ALA A 526 19.88 -10.59 8.55
CA ALA A 526 20.53 -11.87 8.48
C ALA A 526 19.74 -12.93 9.27
N VAL A 527 18.98 -12.54 10.30
CA VAL A 527 18.11 -13.53 10.95
C VAL A 527 16.99 -13.94 10.01
N LEU A 528 16.52 -13.01 9.17
CA LEU A 528 15.44 -13.31 8.25
C LEU A 528 16.00 -14.20 7.15
N ASN A 529 17.30 -14.04 6.93
CA ASN A 529 18.02 -14.88 5.99
C ASN A 529 18.26 -16.23 6.64
N GLU A 530 18.00 -16.31 7.94
CA GLU A 530 18.11 -17.57 8.64
C GLU A 530 16.82 -18.33 8.46
N LYS A 531 15.71 -17.64 8.73
CA LYS A 531 14.44 -18.32 8.85
C LYS A 531 13.76 -18.44 7.49
N PHE A 532 14.06 -17.56 6.54
CA PHE A 532 13.29 -17.56 5.31
C PHE A 532 14.14 -17.31 4.09
N GLY A 533 15.46 -17.28 4.26
CA GLY A 533 16.39 -17.09 3.16
C GLY A 533 16.15 -15.81 2.36
N LEU A 534 15.40 -14.88 2.95
CA LEU A 534 15.17 -13.57 2.38
C LEU A 534 16.53 -12.88 2.22
N ARG A 535 16.92 -12.66 0.96
CA ARG A 535 18.18 -12.03 0.57
C ARG A 535 17.85 -10.80 -0.28
N SER A 536 18.72 -9.76 -0.30
CA SER A 536 18.56 -8.56 -1.13
C SER A 536 18.95 -8.81 -2.60
N ILE A 537 18.77 -7.83 -3.49
CA ILE A 537 19.05 -7.98 -4.91
C ILE A 537 20.56 -7.94 -5.17
N THR A 538 20.99 -6.74 -5.60
CA THR A 538 22.34 -6.36 -6.00
C THR A 538 22.95 -7.44 -6.93
N THR A 539 22.56 -7.36 -8.22
CA THR A 539 23.09 -7.87 -9.48
C THR A 539 21.98 -8.59 -10.23
N VAL A 540 21.88 -8.32 -11.55
CA VAL A 540 20.79 -8.75 -12.43
C VAL A 540 21.13 -10.09 -13.05
N GLU A 541 22.40 -10.26 -13.44
CA GLU A 541 22.83 -11.42 -14.18
C GLU A 541 23.02 -12.58 -13.21
N GLU A 542 23.63 -12.28 -12.05
CA GLU A 542 23.87 -13.29 -11.04
C GLU A 542 22.52 -13.87 -10.66
N ASP A 543 21.64 -12.99 -10.17
CA ASP A 543 20.34 -13.33 -9.63
C ASP A 543 19.44 -13.98 -10.68
N MET A 544 19.67 -13.69 -11.95
CA MET A 544 18.91 -14.40 -12.96
C MET A 544 19.27 -15.88 -12.88
N LYS A 545 20.56 -16.19 -13.01
CA LYS A 545 21.03 -17.55 -12.93
C LYS A 545 20.58 -18.23 -11.64
N GLN A 546 20.80 -17.62 -10.47
CA GLN A 546 20.46 -18.26 -9.19
C GLN A 546 19.04 -18.79 -9.25
N LEU A 547 18.20 -18.07 -9.98
CA LEU A 547 16.79 -18.28 -9.82
C LEU A 547 16.29 -19.33 -10.80
N LEU A 548 16.81 -19.38 -12.03
CA LEU A 548 16.40 -20.34 -13.06
C LEU A 548 16.56 -21.80 -12.62
N SER A 549 17.55 -22.06 -11.72
CA SER A 549 18.22 -23.35 -11.55
C SER A 549 18.00 -24.05 -10.18
N ALA A 550 17.92 -25.40 -10.32
CA ALA A 550 17.27 -26.45 -9.52
C ALA A 550 17.33 -26.21 -8.02
FE1 SF4 B . 9.94 7.82 4.50
FE2 SF4 B . 9.12 8.86 6.97
FE3 SF4 B . 9.48 10.50 4.76
FE4 SF4 B . 11.70 9.44 5.84
S1 SF4 B . 10.23 10.85 6.83
S2 SF4 B . 11.22 9.50 3.67
S3 SF4 B . 10.79 7.41 6.54
S4 SF4 B . 7.96 8.80 5.06
FE5 FS2 C . 2.63 2.08 -5.54
FE6 FS2 C . 3.33 3.62 -3.79
FE7 FS2 C . -0.13 0.32 -3.86
FE8 FS2 C . 2.56 1.42 -2.56
S5 FS2 C . 1.43 3.83 -4.90
S6 FS2 C . 3.97 1.63 -4.12
O8 FS2 C . 2.10 3.28 -2.41
O9 FS2 C . 0.62 0.95 -2.26
O1 FS2 C . 1.51 1.12 -4.38
#